data_5Z26
#
_entry.id   5Z26
#
_entity_poly.entity_id   1
_entity_poly.type   'polypeptide(L)'
_entity_poly.pdbx_seq_one_letter_code
;RGLRRLGRKIAHGVKKYG
;
_entity_poly.pdbx_strand_id   A
#
# COMPACT_ATOMS: atom_id res chain seq x y z
N ARG A 1 -2.94 6.89 8.66
CA ARG A 1 -3.16 6.26 7.37
C ARG A 1 -1.85 5.77 6.77
N GLY A 2 -0.98 5.24 7.62
CA GLY A 2 0.30 4.75 7.16
C GLY A 2 0.17 3.63 6.15
N LEU A 3 1.20 3.42 5.34
CA LEU A 3 1.19 2.37 4.33
C LEU A 3 1.56 1.02 4.94
N ARG A 4 0.76 0.58 5.91
CA ARG A 4 1.00 -0.69 6.57
C ARG A 4 -0.17 -1.64 6.36
N ARG A 5 -1.36 -1.09 6.23
CA ARG A 5 -2.57 -1.88 6.01
C ARG A 5 -3.15 -1.63 4.63
N LEU A 6 -2.88 -0.46 4.08
CA LEU A 6 -3.38 -0.10 2.75
C LEU A 6 -2.55 -0.77 1.66
N GLY A 7 -1.29 -1.08 1.98
CA GLY A 7 -0.42 -1.72 1.02
C GLY A 7 -1.02 -2.99 0.45
N ARG A 8 -1.70 -3.76 1.29
CA ARG A 8 -2.33 -5.00 0.86
C ARG A 8 -3.63 -4.73 0.11
N LYS A 9 -4.24 -3.60 0.41
CA LYS A 9 -5.49 -3.21 -0.24
C LYS A 9 -5.23 -2.62 -1.61
N ILE A 10 -4.05 -2.05 -1.80
CA ILE A 10 -3.68 -1.44 -3.07
C ILE A 10 -2.74 -2.35 -3.85
N ALA A 11 -1.54 -2.56 -3.32
CA ALA A 11 -0.55 -3.41 -3.97
C ALA A 11 0.68 -3.58 -3.09
N HIS A 12 0.94 -4.82 -2.70
CA HIS A 12 2.10 -5.13 -1.85
C HIS A 12 3.38 -4.55 -2.46
N GLY A 13 3.89 -3.48 -1.85
CA GLY A 13 5.11 -2.86 -2.35
C GLY A 13 4.82 -1.65 -3.22
N VAL A 14 3.65 -1.05 -3.03
CA VAL A 14 3.26 0.13 -3.81
C VAL A 14 3.56 1.41 -3.04
N LYS A 15 4.59 1.37 -2.19
CA LYS A 15 4.97 2.53 -1.41
C LYS A 15 5.13 3.76 -2.29
N LYS A 16 5.52 3.54 -3.54
CA LYS A 16 5.70 4.62 -4.49
C LYS A 16 4.36 5.13 -5.01
N TYR A 17 4.41 5.97 -6.04
CA TYR A 17 3.21 6.54 -6.63
C TYR A 17 2.22 5.43 -7.01
N GLY A 18 2.75 4.26 -7.31
CA GLY A 18 1.91 3.14 -7.69
C GLY A 18 1.37 3.26 -9.11
N ARG A 1 -2.98 7.70 8.39
CA ARG A 1 -2.08 7.19 7.37
C ARG A 1 -0.86 6.51 8.00
N GLY A 2 -1.04 5.26 8.39
CA GLY A 2 0.06 4.53 9.01
C GLY A 2 0.76 3.61 8.02
N LEU A 3 0.07 3.26 6.94
CA LEU A 3 0.64 2.39 5.93
C LEU A 3 1.12 1.08 6.55
N ARG A 4 0.24 0.43 7.31
CA ARG A 4 0.58 -0.83 7.96
C ARG A 4 -0.22 -1.98 7.36
N ARG A 5 -1.42 -1.68 6.89
CA ARG A 5 -2.29 -2.69 6.30
C ARG A 5 -2.96 -2.16 5.05
N LEU A 6 -2.30 -1.22 4.37
CA LEU A 6 -2.84 -0.63 3.15
C LEU A 6 -2.18 -1.24 1.92
N GLY A 7 -0.91 -1.62 2.05
CA GLY A 7 -0.20 -2.21 0.93
C GLY A 7 -0.92 -3.41 0.36
N ARG A 8 -1.53 -4.21 1.22
CA ARG A 8 -2.25 -5.40 0.79
C ARG A 8 -3.63 -5.02 0.23
N LYS A 9 -4.16 -3.89 0.68
CA LYS A 9 -5.46 -3.42 0.24
C LYS A 9 -5.34 -2.71 -1.11
N ILE A 10 -4.16 -2.17 -1.39
CA ILE A 10 -3.93 -1.48 -2.65
C ILE A 10 -3.12 -2.34 -3.61
N ALA A 11 -1.85 -2.57 -3.28
CA ALA A 11 -0.98 -3.39 -4.11
C ALA A 11 0.35 -3.69 -3.39
N HIS A 12 0.59 -4.97 -3.14
CA HIS A 12 1.82 -5.39 -2.47
C HIS A 12 3.05 -4.79 -3.15
N GLY A 13 3.62 -3.77 -2.51
CA GLY A 13 4.80 -3.12 -3.07
C GLY A 13 4.47 -1.82 -3.77
N VAL A 14 3.35 -1.21 -3.39
CA VAL A 14 2.92 0.05 -3.99
C VAL A 14 3.32 1.24 -3.11
N LYS A 15 4.42 1.08 -2.38
CA LYS A 15 4.91 2.13 -1.51
C LYS A 15 5.02 3.46 -2.25
N LYS A 16 5.28 3.37 -3.56
CA LYS A 16 5.41 4.56 -4.40
C LYS A 16 4.03 5.15 -4.72
N TYR A 17 4.01 6.10 -5.64
CA TYR A 17 2.77 6.75 -6.04
C TYR A 17 1.72 5.71 -6.45
N GLY A 18 2.19 4.57 -6.94
CA GLY A 18 1.28 3.51 -7.35
C GLY A 18 0.62 3.80 -8.68
N ARG A 1 0.34 9.40 6.08
CA ARG A 1 -0.12 8.67 7.25
C ARG A 1 -0.96 7.46 6.84
N GLY A 2 -0.76 6.35 7.53
CA GLY A 2 -1.50 5.15 7.22
C GLY A 2 -0.68 4.13 6.46
N LEU A 3 -1.29 3.49 5.46
CA LEU A 3 -0.60 2.49 4.65
C LEU A 3 -0.15 1.32 5.51
N ARG A 4 -1.00 0.91 6.45
CA ARG A 4 -0.68 -0.20 7.33
C ARG A 4 -1.26 -1.52 6.78
N ARG A 5 -2.44 -1.42 6.19
CA ARG A 5 -3.11 -2.60 5.63
C ARG A 5 -3.71 -2.29 4.26
N LEU A 6 -3.11 -1.31 3.57
CA LEU A 6 -3.58 -0.91 2.25
C LEU A 6 -2.74 -1.56 1.15
N GLY A 7 -1.45 -1.73 1.43
CA GLY A 7 -0.55 -2.34 0.46
C GLY A 7 -1.06 -3.68 -0.03
N ARG A 8 -1.64 -4.46 0.86
CA ARG A 8 -2.17 -5.77 0.51
C ARG A 8 -3.50 -5.64 -0.22
N LYS A 9 -4.22 -4.55 0.05
CA LYS A 9 -5.51 -4.32 -0.58
C LYS A 9 -5.33 -3.74 -1.98
N ILE A 10 -4.20 -3.07 -2.20
CA ILE A 10 -3.92 -2.47 -3.51
C ILE A 10 -2.92 -3.32 -4.29
N ALA A 11 -1.69 -3.38 -3.79
CA ALA A 11 -0.64 -4.16 -4.44
C ALA A 11 0.60 -4.25 -3.56
N HIS A 12 0.96 -5.46 -3.16
CA HIS A 12 2.13 -5.68 -2.31
C HIS A 12 3.36 -5.03 -2.91
N GLY A 13 3.77 -3.90 -2.33
CA GLY A 13 4.93 -3.19 -2.83
C GLY A 13 4.57 -1.99 -3.67
N VAL A 14 3.34 -1.50 -3.49
CA VAL A 14 2.86 -0.33 -4.25
C VAL A 14 3.06 0.96 -3.46
N LYS A 15 4.09 0.97 -2.61
CA LYS A 15 4.39 2.15 -1.80
C LYS A 15 4.46 3.40 -2.67
N LYS A 16 4.86 3.23 -3.92
CA LYS A 16 4.97 4.34 -4.85
C LYS A 16 3.59 4.77 -5.37
N TYR A 17 3.58 5.62 -6.38
CA TYR A 17 2.33 6.11 -6.96
C TYR A 17 1.43 4.93 -7.36
N GLY A 18 2.05 3.80 -7.69
CA GLY A 18 1.30 2.63 -8.08
C GLY A 18 0.66 2.78 -9.45
N ARG A 1 -1.47 9.49 9.65
CA ARG A 1 -1.13 8.63 8.52
C ARG A 1 -1.41 7.17 8.85
N GLY A 2 -1.98 6.45 7.89
CA GLY A 2 -2.29 5.05 8.10
C GLY A 2 -1.43 4.13 7.25
N LEU A 3 -2.00 3.59 6.18
CA LEU A 3 -1.28 2.69 5.29
C LEU A 3 -0.67 1.52 6.07
N ARG A 4 -1.46 0.92 6.94
CA ARG A 4 -1.01 -0.20 7.75
C ARG A 4 -1.56 -1.52 7.20
N ARG A 5 -2.77 -1.46 6.64
CA ARG A 5 -3.40 -2.65 6.09
C ARG A 5 -4.04 -2.35 4.73
N LEU A 6 -3.46 -1.39 4.02
CA LEU A 6 -3.96 -0.99 2.70
C LEU A 6 -3.09 -1.58 1.60
N GLY A 7 -1.80 -1.77 1.90
CA GLY A 7 -0.89 -2.32 0.92
C GLY A 7 -1.38 -3.62 0.33
N ARG A 8 -2.04 -4.44 1.13
CA ARG A 8 -2.56 -5.72 0.68
C ARG A 8 -3.87 -5.53 -0.08
N LYS A 9 -4.58 -4.45 0.25
CA LYS A 9 -5.85 -4.15 -0.41
C LYS A 9 -5.63 -3.50 -1.77
N ILE A 10 -4.49 -2.83 -1.92
CA ILE A 10 -4.15 -2.16 -3.17
C ILE A 10 -3.16 -2.99 -3.97
N ALA A 11 -1.96 -3.14 -3.43
CA ALA A 11 -0.90 -3.91 -4.10
C ALA A 11 0.33 -4.01 -3.22
N HIS A 12 0.69 -5.24 -2.84
CA HIS A 12 1.86 -5.48 -2.00
C HIS A 12 3.10 -4.82 -2.60
N GLY A 13 3.55 -3.73 -1.97
CA GLY A 13 4.72 -3.03 -2.46
C GLY A 13 4.37 -1.83 -3.31
N VAL A 14 3.17 -1.29 -3.09
CA VAL A 14 2.70 -0.14 -3.86
C VAL A 14 2.97 1.16 -3.10
N LYS A 15 4.02 1.16 -2.28
CA LYS A 15 4.38 2.34 -1.51
C LYS A 15 4.47 3.57 -2.39
N LYS A 16 4.82 3.37 -3.66
CA LYS A 16 4.93 4.46 -4.61
C LYS A 16 3.56 4.92 -5.09
N TYR A 17 3.53 5.76 -6.11
CA TYR A 17 2.29 6.27 -6.66
C TYR A 17 1.34 5.13 -7.01
N GLY A 18 1.91 3.98 -7.34
CA GLY A 18 1.10 2.82 -7.69
C GLY A 18 0.43 2.97 -9.04
N ARG A 1 -1.83 8.04 6.50
CA ARG A 1 -0.44 8.19 6.89
C ARG A 1 0.03 6.99 7.71
N GLY A 2 -0.61 5.84 7.48
CA GLY A 2 -0.24 4.64 8.20
C GLY A 2 0.40 3.59 7.30
N LEU A 3 -0.32 3.19 6.26
CA LEU A 3 0.19 2.20 5.32
C LEU A 3 0.59 0.92 6.05
N ARG A 4 -0.32 0.37 6.84
CA ARG A 4 -0.06 -0.84 7.59
C ARG A 4 -0.90 -2.01 7.07
N ARG A 5 -2.11 -1.69 6.62
CA ARG A 5 -3.02 -2.70 6.09
C ARG A 5 -3.66 -2.24 4.78
N LEU A 6 -2.92 -1.44 4.02
CA LEU A 6 -3.42 -0.92 2.75
C LEU A 6 -2.69 -1.58 1.58
N GLY A 7 -1.42 -1.90 1.78
CA GLY A 7 -0.64 -2.54 0.74
C GLY A 7 -1.29 -3.80 0.21
N ARG A 8 -1.89 -4.57 1.11
CA ARG A 8 -2.54 -5.82 0.74
C ARG A 8 -3.89 -5.55 0.08
N LYS A 9 -4.49 -4.41 0.42
CA LYS A 9 -5.78 -4.02 -0.13
C LYS A 9 -5.62 -3.41 -1.51
N ILE A 10 -4.44 -2.83 -1.76
CA ILE A 10 -4.17 -2.19 -3.05
C ILE A 10 -3.26 -3.08 -3.90
N ALA A 11 -2.01 -3.22 -3.49
CA ALA A 11 -1.06 -4.05 -4.22
C ALA A 11 0.22 -4.26 -3.40
N HIS A 12 0.50 -5.51 -3.07
CA HIS A 12 1.69 -5.85 -2.29
C HIS A 12 2.94 -5.24 -2.92
N GLY A 13 3.45 -4.18 -2.30
CA GLY A 13 4.64 -3.53 -2.81
C GLY A 13 4.32 -2.27 -3.60
N VAL A 14 3.15 -1.70 -3.33
CA VAL A 14 2.72 -0.50 -4.03
C VAL A 14 3.03 0.75 -3.20
N LYS A 15 4.09 0.68 -2.40
CA LYS A 15 4.48 1.79 -1.56
C LYS A 15 4.61 3.07 -2.37
N LYS A 16 4.94 2.93 -3.65
CA LYS A 16 5.09 4.07 -4.54
C LYS A 16 3.72 4.59 -4.97
N TYR A 17 3.72 5.50 -5.95
CA TYR A 17 2.48 6.08 -6.46
C TYR A 17 1.50 4.98 -6.87
N GLY A 18 2.03 3.84 -7.26
CA GLY A 18 1.18 2.73 -7.67
C GLY A 18 0.57 2.94 -9.04
N ARG A 1 1.71 7.28 8.86
CA ARG A 1 0.30 7.43 9.19
C ARG A 1 -0.56 7.39 7.93
N GLY A 2 -1.41 6.36 7.83
CA GLY A 2 -2.27 6.23 6.67
C GLY A 2 -2.21 4.85 6.07
N LEU A 3 -1.14 4.57 5.32
CA LEU A 3 -0.97 3.27 4.68
C LEU A 3 -0.49 2.23 5.69
N ARG A 4 -1.43 1.59 6.36
CA ARG A 4 -1.10 0.57 7.34
C ARG A 4 -1.38 -0.83 6.80
N ARG A 5 -2.53 -0.97 6.13
CA ARG A 5 -2.92 -2.26 5.56
C ARG A 5 -3.51 -2.08 4.17
N LEU A 6 -3.06 -1.04 3.47
CA LEU A 6 -3.54 -0.76 2.12
C LEU A 6 -2.70 -1.48 1.09
N GLY A 7 -1.42 -1.67 1.39
CA GLY A 7 -0.53 -2.35 0.46
C GLY A 7 -1.05 -3.71 0.06
N ARG A 8 -1.65 -4.42 1.00
CA ARG A 8 -2.20 -5.74 0.74
C ARG A 8 -3.53 -5.66 0.01
N LYS A 9 -4.23 -4.54 0.21
CA LYS A 9 -5.51 -4.33 -0.43
C LYS A 9 -5.34 -3.86 -1.87
N ILE A 10 -4.21 -3.23 -2.15
CA ILE A 10 -3.91 -2.74 -3.50
C ILE A 10 -2.92 -3.66 -4.22
N ALA A 11 -1.69 -3.69 -3.72
CA ALA A 11 -0.66 -4.53 -4.30
C ALA A 11 0.60 -4.55 -3.43
N HIS A 12 0.95 -5.73 -2.93
CA HIS A 12 2.12 -5.89 -2.09
C HIS A 12 3.36 -5.28 -2.75
N GLY A 13 3.79 -4.13 -2.25
CA GLY A 13 4.96 -3.47 -2.82
C GLY A 13 4.59 -2.35 -3.75
N VAL A 14 3.37 -1.84 -3.62
CA VAL A 14 2.90 -0.74 -4.46
C VAL A 14 3.09 0.60 -3.77
N LYS A 15 4.11 0.69 -2.93
CA LYS A 15 4.40 1.92 -2.21
C LYS A 15 4.48 3.11 -3.16
N LYS A 16 4.88 2.84 -4.40
CA LYS A 16 4.99 3.88 -5.41
C LYS A 16 3.62 4.26 -5.96
N TYR A 17 3.61 5.04 -7.03
CA TYR A 17 2.36 5.49 -7.64
C TYR A 17 1.98 4.58 -8.81
N GLY A 18 2.45 3.33 -8.76
CA GLY A 18 2.14 2.38 -9.81
C GLY A 18 3.14 1.25 -9.88
N ARG A 1 -4.36 6.77 10.75
CA ARG A 1 -4.38 6.96 9.31
C ARG A 1 -2.98 6.79 8.72
N GLY A 2 -2.91 6.41 7.45
CA GLY A 2 -1.62 6.23 6.80
C GLY A 2 -1.59 4.98 5.92
N LEU A 3 -0.42 4.36 5.82
CA LEU A 3 -0.28 3.17 5.00
C LEU A 3 0.33 2.02 5.81
N ARG A 4 -0.53 1.20 6.39
CA ARG A 4 -0.09 0.06 7.20
C ARG A 4 -0.73 -1.23 6.71
N ARG A 5 -2.00 -1.16 6.33
CA ARG A 5 -2.72 -2.33 5.85
C ARG A 5 -3.42 -2.01 4.53
N LEU A 6 -2.88 -1.08 3.78
CA LEU A 6 -3.46 -0.68 2.50
C LEU A 6 -2.72 -1.37 1.35
N GLY A 7 -1.42 -1.53 1.49
CA GLY A 7 -0.62 -2.17 0.45
C GLY A 7 -1.14 -3.54 0.09
N ARG A 8 -1.74 -4.22 1.06
CA ARG A 8 -2.28 -5.56 0.84
C ARG A 8 -3.60 -5.49 0.07
N LYS A 9 -4.31 -4.37 0.23
CA LYS A 9 -5.58 -4.17 -0.45
C LYS A 9 -5.37 -3.67 -1.88
N ILE A 10 -4.25 -3.00 -2.10
CA ILE A 10 -3.93 -2.48 -3.43
C ILE A 10 -2.94 -3.38 -4.15
N ALA A 11 -1.70 -3.40 -3.67
CA ALA A 11 -0.67 -4.23 -4.28
C ALA A 11 0.55 -4.35 -3.36
N HIS A 12 0.83 -5.56 -2.90
CA HIS A 12 1.97 -5.80 -2.01
C HIS A 12 3.24 -5.22 -2.61
N GLY A 13 3.68 -4.10 -2.06
CA GLY A 13 4.90 -3.45 -2.54
C GLY A 13 4.60 -2.29 -3.47
N VAL A 14 3.42 -1.69 -3.31
CA VAL A 14 3.02 -0.56 -4.15
C VAL A 14 3.31 0.76 -3.43
N LYS A 15 4.32 0.76 -2.58
CA LYS A 15 4.69 1.96 -1.84
C LYS A 15 4.85 3.15 -2.77
N LYS A 16 5.24 2.88 -4.02
CA LYS A 16 5.43 3.93 -5.01
C LYS A 16 4.08 4.40 -5.56
N TYR A 17 4.13 5.21 -6.62
CA TYR A 17 2.92 5.73 -7.24
C TYR A 17 2.49 4.87 -8.43
N GLY A 18 2.94 3.61 -8.42
CA GLY A 18 2.59 2.70 -9.51
C GLY A 18 1.67 1.60 -9.06
N ARG A 1 0.99 7.30 9.46
CA ARG A 1 -0.07 6.90 10.37
C ARG A 1 -1.05 5.96 9.68
N GLY A 2 -1.14 6.07 8.36
CA GLY A 2 -2.04 5.22 7.60
C GLY A 2 -1.30 4.21 6.75
N LEU A 3 -1.99 3.63 5.78
CA LEU A 3 -1.40 2.64 4.90
C LEU A 3 -0.93 1.42 5.68
N ARG A 4 -1.68 1.07 6.72
CA ARG A 4 -1.35 -0.08 7.55
C ARG A 4 -1.97 -1.36 7.01
N ARG A 5 -3.18 -1.23 6.45
CA ARG A 5 -3.89 -2.37 5.90
C ARG A 5 -4.50 -2.02 4.55
N LEU A 6 -3.86 -1.11 3.83
CA LEU A 6 -4.34 -0.69 2.52
C LEU A 6 -3.51 -1.30 1.40
N GLY A 7 -2.23 -1.54 1.69
CA GLY A 7 -1.33 -2.12 0.69
C GLY A 7 -1.83 -3.45 0.20
N ARG A 8 -2.54 -4.18 1.05
CA ARG A 8 -3.07 -5.49 0.69
C ARG A 8 -4.33 -5.35 -0.17
N LYS A 9 -5.04 -4.24 0.00
CA LYS A 9 -6.26 -3.99 -0.76
C LYS A 9 -5.94 -3.42 -2.14
N ILE A 10 -4.79 -2.76 -2.24
CA ILE A 10 -4.35 -2.17 -3.50
C ILE A 10 -3.32 -3.05 -4.20
N ALA A 11 -2.16 -3.18 -3.59
CA ALA A 11 -1.08 -3.99 -4.15
C ALA A 11 0.10 -4.08 -3.19
N HIS A 12 0.39 -5.28 -2.72
CA HIS A 12 1.50 -5.50 -1.79
C HIS A 12 2.79 -4.92 -2.35
N GLY A 13 3.19 -3.76 -1.83
CA GLY A 13 4.40 -3.12 -2.29
C GLY A 13 4.14 -1.97 -3.25
N VAL A 14 2.94 -1.39 -3.15
CA VAL A 14 2.56 -0.28 -4.00
C VAL A 14 2.81 1.06 -3.32
N LYS A 15 3.82 1.09 -2.45
CA LYS A 15 4.17 2.31 -1.73
C LYS A 15 4.33 3.48 -2.69
N LYS A 16 4.75 3.18 -3.92
CA LYS A 16 4.95 4.21 -4.93
C LYS A 16 3.61 4.66 -5.52
N TYR A 17 3.68 5.43 -6.60
CA TYR A 17 2.48 5.92 -7.26
C TYR A 17 1.56 4.77 -7.66
N GLY A 18 2.14 3.60 -7.83
CA GLY A 18 1.36 2.43 -8.22
C GLY A 18 2.20 1.17 -8.26
N ARG A 1 -0.62 8.14 4.56
CA ARG A 1 -0.96 8.71 5.86
C ARG A 1 -1.48 7.64 6.80
N GLY A 2 -0.61 6.69 7.15
CA GLY A 2 -1.01 5.63 8.05
C GLY A 2 -1.18 4.30 7.33
N LEU A 3 -0.20 3.94 6.51
CA LEU A 3 -0.26 2.69 5.76
C LEU A 3 0.11 1.51 6.65
N ARG A 4 -0.90 0.91 7.28
CA ARG A 4 -0.68 -0.23 8.16
C ARG A 4 -1.04 -1.54 7.45
N ARG A 5 -2.17 -1.53 6.76
CA ARG A 5 -2.63 -2.71 6.04
C ARG A 5 -3.20 -2.34 4.68
N LEU A 6 -2.73 -1.22 4.13
CA LEU A 6 -3.19 -0.75 2.82
C LEU A 6 -2.40 -1.41 1.70
N GLY A 7 -1.12 -1.68 1.96
CA GLY A 7 -0.29 -2.30 0.96
C GLY A 7 -0.87 -3.59 0.42
N ARG A 8 -1.51 -4.35 1.29
CA ARG A 8 -2.12 -5.63 0.90
C ARG A 8 -3.47 -5.39 0.23
N LYS A 9 -4.10 -4.27 0.56
CA LYS A 9 -5.41 -3.93 -0.01
C LYS A 9 -5.25 -3.32 -1.39
N ILE A 10 -4.09 -2.71 -1.63
CA ILE A 10 -3.81 -2.09 -2.92
C ILE A 10 -2.88 -2.95 -3.77
N ALA A 11 -1.64 -3.08 -3.33
CA ALA A 11 -0.66 -3.89 -4.04
C ALA A 11 0.62 -4.06 -3.21
N HIS A 12 0.93 -5.30 -2.86
CA HIS A 12 2.12 -5.59 -2.07
C HIS A 12 3.36 -4.97 -2.71
N GLY A 13 3.83 -3.88 -2.10
CA GLY A 13 5.01 -3.21 -2.62
C GLY A 13 4.66 -1.97 -3.43
N VAL A 14 3.48 -1.40 -3.16
CA VAL A 14 3.03 -0.21 -3.87
C VAL A 14 3.36 1.06 -3.09
N LYS A 15 4.43 1.01 -2.31
CA LYS A 15 4.86 2.15 -1.52
C LYS A 15 4.94 3.41 -2.37
N LYS A 16 5.25 3.23 -3.65
CA LYS A 16 5.35 4.34 -4.58
C LYS A 16 3.97 4.85 -5.00
N TYR A 17 3.94 5.72 -6.00
CA TYR A 17 2.69 6.28 -6.50
C TYR A 17 1.73 5.16 -6.93
N GLY A 18 2.30 4.00 -7.27
CA GLY A 18 1.48 2.88 -7.68
C GLY A 18 2.30 1.62 -7.93
N ARG A 1 -5.14 5.78 9.06
CA ARG A 1 -4.42 7.04 9.12
C ARG A 1 -3.10 6.95 8.36
N GLY A 2 -2.45 5.79 8.46
CA GLY A 2 -1.19 5.59 7.78
C GLY A 2 -1.30 4.64 6.60
N LEU A 3 -0.16 4.24 6.05
CA LEU A 3 -0.14 3.33 4.91
C LEU A 3 0.52 2.01 5.29
N ARG A 4 0.00 1.36 6.33
CA ARG A 4 0.54 0.10 6.79
C ARG A 4 -0.39 -1.05 6.42
N ARG A 5 -1.70 -0.79 6.45
CA ARG A 5 -2.69 -1.80 6.12
C ARG A 5 -3.42 -1.45 4.83
N LEU A 6 -2.71 -0.78 3.92
CA LEU A 6 -3.28 -0.39 2.64
C LEU A 6 -2.64 -1.15 1.49
N GLY A 7 -1.35 -1.44 1.64
CA GLY A 7 -0.63 -2.18 0.60
C GLY A 7 -1.30 -3.49 0.25
N ARG A 8 -1.99 -4.09 1.21
CA ARG A 8 -2.68 -5.35 1.00
C ARG A 8 -3.99 -5.13 0.25
N LYS A 9 -4.55 -3.93 0.37
CA LYS A 9 -5.80 -3.59 -0.30
C LYS A 9 -5.55 -3.17 -1.74
N ILE A 10 -4.33 -2.73 -2.02
CA ILE A 10 -3.97 -2.31 -3.37
C ILE A 10 -3.02 -3.30 -4.02
N ALA A 11 -1.79 -3.38 -3.51
CA ALA A 11 -0.80 -4.30 -4.05
C ALA A 11 0.42 -4.38 -3.12
N HIS A 12 0.70 -5.59 -2.64
CA HIS A 12 1.84 -5.81 -1.76
C HIS A 12 3.12 -5.23 -2.35
N GLY A 13 3.67 -4.21 -1.70
CA GLY A 13 4.88 -3.59 -2.18
C GLY A 13 4.62 -2.55 -3.26
N VAL A 14 3.44 -1.93 -3.20
CA VAL A 14 3.06 -0.91 -4.18
C VAL A 14 3.37 0.49 -3.65
N LYS A 15 4.39 0.59 -2.81
CA LYS A 15 4.79 1.87 -2.24
C LYS A 15 4.97 2.92 -3.34
N LYS A 16 5.34 2.46 -4.53
CA LYS A 16 5.56 3.36 -5.66
C LYS A 16 4.22 3.78 -6.26
N TYR A 17 4.28 4.43 -7.42
CA TYR A 17 3.08 4.90 -8.11
C TYR A 17 2.64 3.90 -9.17
N GLY A 18 3.00 2.63 -8.97
CA GLY A 18 2.64 1.60 -9.92
C GLY A 18 3.67 1.41 -11.00
N ARG A 1 1.75 5.30 8.96
CA ARG A 1 0.57 6.05 9.39
C ARG A 1 -0.39 6.25 8.22
N GLY A 2 -1.65 5.91 8.43
CA GLY A 2 -2.66 6.06 7.40
C GLY A 2 -2.89 4.78 6.62
N LEU A 3 -1.85 4.28 5.97
CA LEU A 3 -1.95 3.06 5.19
C LEU A 3 -1.52 1.84 6.02
N ARG A 4 -2.42 1.38 6.88
CA ARG A 4 -2.14 0.23 7.73
C ARG A 4 -2.47 -1.08 7.02
N ARG A 5 -3.65 -1.11 6.39
CA ARG A 5 -4.08 -2.29 5.66
C ARG A 5 -4.56 -1.93 4.26
N LEU A 6 -3.90 -0.95 3.66
CA LEU A 6 -4.26 -0.51 2.31
C LEU A 6 -3.39 -1.19 1.26
N GLY A 7 -2.10 -1.30 1.56
CA GLY A 7 -1.18 -1.93 0.62
C GLY A 7 -1.64 -3.32 0.20
N ARG A 8 -2.32 -4.02 1.11
CA ARG A 8 -2.82 -5.36 0.83
C ARG A 8 -4.07 -5.30 -0.02
N LYS A 9 -4.80 -4.19 0.08
CA LYS A 9 -6.03 -4.02 -0.69
C LYS A 9 -5.72 -3.56 -2.11
N ILE A 10 -4.55 -2.96 -2.31
CA ILE A 10 -4.14 -2.48 -3.61
C ILE A 10 -3.03 -3.36 -4.19
N ALA A 11 -1.84 -3.28 -3.59
CA ALA A 11 -0.70 -4.05 -4.04
C ALA A 11 0.43 -3.99 -3.03
N HIS A 12 0.84 -5.16 -2.53
CA HIS A 12 1.91 -5.24 -1.54
C HIS A 12 3.16 -4.50 -2.04
N GLY A 13 3.52 -3.43 -1.34
CA GLY A 13 4.68 -2.64 -1.72
C GLY A 13 4.37 -1.65 -2.82
N VAL A 14 3.13 -1.17 -2.86
CA VAL A 14 2.71 -0.21 -3.86
C VAL A 14 2.79 1.22 -3.32
N LYS A 15 3.72 1.44 -2.39
CA LYS A 15 3.90 2.76 -1.79
C LYS A 15 4.03 3.83 -2.87
N LYS A 16 4.56 3.44 -4.03
CA LYS A 16 4.73 4.37 -5.14
C LYS A 16 3.41 4.62 -5.86
N TYR A 17 3.48 5.27 -7.01
CA TYR A 17 2.29 5.58 -7.79
C TYR A 17 1.46 4.33 -8.04
N GLY A 18 2.14 3.18 -8.08
CA GLY A 18 1.46 1.92 -8.32
C GLY A 18 1.05 1.74 -9.78
N ARG A 1 2.51 6.39 9.38
CA ARG A 1 1.48 7.37 9.06
C ARG A 1 0.24 6.68 8.48
N GLY A 2 0.36 6.22 7.24
CA GLY A 2 -0.76 5.54 6.60
C GLY A 2 -0.31 4.42 5.70
N LEU A 3 -1.24 3.88 4.91
CA LEU A 3 -0.95 2.79 3.99
C LEU A 3 -0.27 1.63 4.73
N ARG A 4 -0.96 1.10 5.73
CA ARG A 4 -0.45 -0.01 6.52
C ARG A 4 -1.36 -1.24 6.40
N ARG A 5 -2.65 -0.99 6.25
CA ARG A 5 -3.62 -2.07 6.12
C ARG A 5 -4.11 -2.19 4.67
N LEU A 6 -4.09 -1.09 3.94
CA LEU A 6 -4.53 -1.07 2.56
C LEU A 6 -3.46 -1.66 1.65
N GLY A 7 -2.20 -1.59 2.08
CA GLY A 7 -1.11 -2.11 1.28
C GLY A 7 -1.34 -3.55 0.87
N ARG A 8 -1.92 -4.34 1.76
CA ARG A 8 -2.19 -5.75 1.49
C ARG A 8 -3.43 -5.90 0.60
N LYS A 9 -4.32 -4.92 0.67
CA LYS A 9 -5.55 -4.94 -0.14
C LYS A 9 -5.26 -4.47 -1.56
N ILE A 10 -4.23 -3.65 -1.72
CA ILE A 10 -3.86 -3.14 -3.03
C ILE A 10 -2.65 -3.89 -3.60
N ALA A 11 -1.50 -3.72 -2.94
CA ALA A 11 -0.28 -4.38 -3.37
C ALA A 11 0.85 -4.14 -2.38
N HIS A 12 1.34 -5.21 -1.76
CA HIS A 12 2.43 -5.10 -0.80
C HIS A 12 3.62 -4.35 -1.39
N GLY A 13 3.82 -3.12 -0.94
CA GLY A 13 4.93 -2.31 -1.44
C GLY A 13 4.49 -1.33 -2.50
N VAL A 14 3.19 -1.02 -2.52
CA VAL A 14 2.65 -0.08 -3.50
C VAL A 14 2.53 1.32 -2.91
N LYS A 15 3.41 1.64 -1.98
CA LYS A 15 3.41 2.95 -1.33
C LYS A 15 3.39 4.06 -2.37
N LYS A 16 3.97 3.79 -3.53
CA LYS A 16 4.02 4.77 -4.61
C LYS A 16 2.66 4.91 -5.29
N TYR A 17 2.64 5.61 -6.42
CA TYR A 17 1.40 5.81 -7.16
C TYR A 17 1.26 4.78 -8.28
N GLY A 18 1.93 3.65 -8.11
CA GLY A 18 1.88 2.59 -9.11
C GLY A 18 0.47 2.06 -9.30
N ARG A 1 1.49 9.34 8.35
CA ARG A 1 0.62 8.28 7.87
C ARG A 1 1.37 7.34 6.92
N GLY A 2 0.97 6.08 6.90
CA GLY A 2 1.62 5.11 6.04
C GLY A 2 0.68 3.99 5.62
N LEU A 3 1.16 3.14 4.71
CA LEU A 3 0.35 2.02 4.23
C LEU A 3 0.87 0.70 4.77
N ARG A 4 0.12 0.10 5.69
CA ARG A 4 0.51 -1.17 6.29
C ARG A 4 -0.57 -2.23 6.05
N ARG A 5 -1.83 -1.79 6.07
CA ARG A 5 -2.95 -2.71 5.86
C ARG A 5 -3.53 -2.55 4.47
N LEU A 6 -3.35 -1.37 3.89
CA LEU A 6 -3.86 -1.09 2.54
C LEU A 6 -2.97 -1.74 1.49
N GLY A 7 -1.69 -1.89 1.81
CA GLY A 7 -0.75 -2.51 0.88
C GLY A 7 -1.24 -3.84 0.35
N ARG A 8 -1.86 -4.63 1.24
CA ARG A 8 -2.36 -5.94 0.86
C ARG A 8 -3.69 -5.81 0.10
N LYS A 9 -4.41 -4.72 0.36
CA LYS A 9 -5.68 -4.48 -0.30
C LYS A 9 -5.47 -3.92 -1.70
N ILE A 10 -4.31 -3.32 -1.93
CA ILE A 10 -3.99 -2.74 -3.23
C ILE A 10 -2.94 -3.57 -3.96
N ALA A 11 -1.72 -3.58 -3.42
CA ALA A 11 -0.63 -4.32 -4.02
C ALA A 11 0.57 -4.38 -3.09
N HIS A 12 0.97 -5.58 -2.71
CA HIS A 12 2.12 -5.77 -1.82
C HIS A 12 3.34 -5.01 -2.33
N GLY A 13 3.77 -4.01 -1.58
CA GLY A 13 4.92 -3.21 -1.98
C GLY A 13 4.56 -2.12 -2.96
N VAL A 14 3.33 -1.63 -2.87
CA VAL A 14 2.86 -0.57 -3.75
C VAL A 14 3.01 0.80 -3.10
N LYS A 15 4.01 0.93 -2.22
CA LYS A 15 4.27 2.19 -1.54
C LYS A 15 4.35 3.35 -2.53
N LYS A 16 4.78 3.05 -3.75
CA LYS A 16 4.90 4.06 -4.79
C LYS A 16 3.53 4.42 -5.37
N TYR A 17 3.54 5.17 -6.46
CA TYR A 17 2.30 5.58 -7.11
C TYR A 17 1.95 4.64 -8.25
N GLY A 18 2.39 3.39 -8.14
CA GLY A 18 2.12 2.41 -9.18
C GLY A 18 1.09 1.39 -8.74
N ARG A 1 -1.84 9.04 10.67
CA ARG A 1 -2.17 8.37 9.42
C ARG A 1 -0.91 7.86 8.73
N GLY A 2 -1.03 6.72 8.06
CA GLY A 2 0.11 6.14 7.37
C GLY A 2 -0.25 4.86 6.64
N LEU A 3 0.77 4.12 6.20
CA LEU A 3 0.56 2.87 5.48
C LEU A 3 0.90 1.67 6.36
N ARG A 4 -0.11 1.06 6.94
CA ARG A 4 0.10 -0.10 7.81
C ARG A 4 -0.53 -1.35 7.20
N ARG A 5 -1.71 -1.19 6.61
CA ARG A 5 -2.40 -2.31 5.99
C ARG A 5 -3.01 -1.90 4.65
N LEU A 6 -2.40 -0.90 4.00
CA LEU A 6 -2.88 -0.40 2.72
C LEU A 6 -2.21 -1.15 1.57
N GLY A 7 -0.94 -1.51 1.77
CA GLY A 7 -0.20 -2.21 0.74
C GLY A 7 -0.93 -3.45 0.25
N ARG A 8 -1.54 -4.18 1.18
CA ARG A 8 -2.28 -5.39 0.84
C ARG A 8 -3.64 -5.05 0.24
N LYS A 9 -4.16 -3.89 0.60
CA LYS A 9 -5.46 -3.45 0.09
C LYS A 9 -5.34 -2.86 -1.31
N ILE A 10 -4.13 -2.42 -1.66
CA ILE A 10 -3.88 -1.86 -2.97
C ILE A 10 -3.05 -2.80 -3.83
N ALA A 11 -1.78 -2.98 -3.44
CA ALA A 11 -0.88 -3.86 -4.17
C ALA A 11 0.39 -4.13 -3.38
N HIS A 12 0.65 -5.40 -3.09
CA HIS A 12 1.84 -5.79 -2.34
C HIS A 12 3.10 -5.18 -2.96
N GLY A 13 3.74 -4.28 -2.24
CA GLY A 13 4.94 -3.65 -2.73
C GLY A 13 4.65 -2.46 -3.63
N VAL A 14 3.51 -1.81 -3.39
CA VAL A 14 3.11 -0.65 -4.19
C VAL A 14 3.54 0.66 -3.52
N LYS A 15 4.63 0.61 -2.77
CA LYS A 15 5.14 1.78 -2.07
C LYS A 15 5.29 2.95 -3.04
N LYS A 16 5.54 2.65 -4.30
CA LYS A 16 5.70 3.68 -5.32
C LYS A 16 4.35 4.24 -5.74
N TYR A 17 4.34 5.03 -6.81
CA TYR A 17 3.12 5.63 -7.32
C TYR A 17 2.56 4.82 -8.48
N GLY A 18 2.93 3.54 -8.54
CA GLY A 18 2.45 2.67 -9.60
C GLY A 18 0.96 2.39 -9.50
N ARG A 1 2.03 6.18 5.86
CA ARG A 1 0.87 7.04 5.81
C ARG A 1 -0.41 6.25 5.58
N GLY A 2 -0.58 5.18 6.35
CA GLY A 2 -1.76 4.35 6.22
C GLY A 2 -1.58 3.25 5.20
N LEU A 3 -0.34 2.77 5.06
CA LEU A 3 -0.03 1.70 4.11
C LEU A 3 0.24 0.39 4.82
N ARG A 4 -0.33 0.25 6.03
CA ARG A 4 -0.15 -0.97 6.82
C ARG A 4 -1.32 -1.92 6.62
N ARG A 5 -2.50 -1.36 6.35
CA ARG A 5 -3.69 -2.17 6.14
C ARG A 5 -4.22 -1.99 4.72
N LEU A 6 -3.91 -0.85 4.11
CA LEU A 6 -4.35 -0.56 2.76
C LEU A 6 -3.38 -1.13 1.74
N GLY A 7 -2.14 -1.35 2.16
CA GLY A 7 -1.14 -1.89 1.27
C GLY A 7 -1.51 -3.27 0.75
N ARG A 8 -2.14 -4.06 1.59
CA ARG A 8 -2.55 -5.42 1.22
C ARG A 8 -3.80 -5.38 0.35
N LYS A 9 -4.60 -4.33 0.51
CA LYS A 9 -5.83 -4.17 -0.25
C LYS A 9 -5.55 -3.61 -1.64
N ILE A 10 -4.41 -2.94 -1.78
CA ILE A 10 -4.02 -2.35 -3.06
C ILE A 10 -2.85 -3.12 -3.67
N ALA A 11 -1.69 -3.02 -3.06
CA ALA A 11 -0.50 -3.71 -3.54
C ALA A 11 0.63 -3.66 -2.52
N HIS A 12 1.09 -4.82 -2.09
CA HIS A 12 2.17 -4.91 -1.12
C HIS A 12 3.36 -4.08 -1.55
N GLY A 13 3.68 -3.04 -0.77
CA GLY A 13 4.79 -2.18 -1.09
C GLY A 13 4.43 -1.12 -2.12
N VAL A 14 3.16 -0.72 -2.13
CA VAL A 14 2.71 0.29 -3.08
C VAL A 14 2.69 1.68 -2.44
N LYS A 15 3.59 1.89 -1.49
CA LYS A 15 3.68 3.18 -0.80
C LYS A 15 3.75 4.32 -1.80
N LYS A 16 4.32 4.06 -2.97
CA LYS A 16 4.45 5.06 -4.02
C LYS A 16 3.12 5.28 -4.73
N TYR A 17 3.17 6.01 -5.84
CA TYR A 17 1.97 6.30 -6.61
C TYR A 17 1.25 5.01 -7.01
N GLY A 18 2.01 3.92 -7.09
CA GLY A 18 1.44 2.63 -7.46
C GLY A 18 0.97 2.60 -8.90
N ARG A 1 -4.75 7.85 9.28
CA ARG A 1 -3.74 8.19 8.28
C ARG A 1 -2.54 7.25 8.37
N GLY A 2 -1.86 7.05 7.25
CA GLY A 2 -0.71 6.17 7.23
C GLY A 2 -1.01 4.82 6.60
N LEU A 3 -0.09 4.33 5.78
CA LEU A 3 -0.27 3.04 5.12
C LEU A 3 0.13 1.90 6.05
N ARG A 4 -0.83 1.43 6.83
CA ARG A 4 -0.58 0.33 7.76
C ARG A 4 -1.03 -1.00 7.18
N ARG A 5 -2.22 -1.00 6.57
CA ARG A 5 -2.77 -2.20 5.97
C ARG A 5 -3.39 -1.90 4.61
N LEU A 6 -2.78 -0.97 3.88
CA LEU A 6 -3.27 -0.58 2.57
C LEU A 6 -2.51 -1.32 1.46
N GLY A 7 -1.23 -1.57 1.70
CA GLY A 7 -0.42 -2.27 0.71
C GLY A 7 -1.05 -3.58 0.28
N ARG A 8 -1.66 -4.29 1.23
CA ARG A 8 -2.29 -5.56 0.93
C ARG A 8 -3.64 -5.36 0.24
N LYS A 9 -4.24 -4.21 0.48
CA LYS A 9 -5.53 -3.89 -0.11
C LYS A 9 -5.37 -3.38 -1.54
N ILE A 10 -4.17 -2.89 -1.85
CA ILE A 10 -3.88 -2.38 -3.18
C ILE A 10 -2.93 -3.31 -3.93
N ALA A 11 -1.67 -3.36 -3.48
CA ALA A 11 -0.68 -4.21 -4.10
C ALA A 11 0.55 -4.35 -3.21
N HIS A 12 0.86 -5.59 -2.83
CA HIS A 12 2.01 -5.86 -1.98
C HIS A 12 3.28 -5.21 -2.54
N GLY A 13 3.82 -4.24 -1.82
CA GLY A 13 5.02 -3.57 -2.26
C GLY A 13 4.72 -2.45 -3.25
N VAL A 14 3.54 -1.85 -3.11
CA VAL A 14 3.13 -0.77 -3.99
C VAL A 14 3.42 0.59 -3.37
N LYS A 15 4.45 0.64 -2.53
CA LYS A 15 4.84 1.88 -1.87
C LYS A 15 4.98 3.02 -2.87
N LYS A 16 5.35 2.67 -4.11
CA LYS A 16 5.52 3.66 -5.16
C LYS A 16 4.17 4.13 -5.69
N TYR A 17 4.19 4.87 -6.79
CA TYR A 17 2.98 5.38 -7.40
C TYR A 17 2.49 4.46 -8.51
N GLY A 18 2.91 3.20 -8.44
CA GLY A 18 2.51 2.23 -9.46
C GLY A 18 3.34 0.96 -9.39
N ARG A 1 -0.63 8.80 3.50
CA ARG A 1 0.75 8.44 3.79
C ARG A 1 0.80 7.17 4.63
N GLY A 2 -0.22 6.95 5.44
CA GLY A 2 -0.27 5.76 6.28
C GLY A 2 -0.74 4.54 5.53
N LEU A 3 0.17 3.63 5.24
CA LEU A 3 -0.15 2.41 4.52
C LEU A 3 0.46 1.19 5.19
N ARG A 4 -0.30 0.58 6.09
CA ARG A 4 0.18 -0.60 6.83
C ARG A 4 -0.79 -1.76 6.64
N ARG A 5 -2.08 -1.46 6.61
CA ARG A 5 -3.11 -2.48 6.46
C ARG A 5 -3.67 -2.47 5.04
N LEU A 6 -3.61 -1.31 4.39
CA LEU A 6 -4.11 -1.17 3.03
C LEU A 6 -3.14 -1.76 2.02
N GLY A 7 -1.87 -1.78 2.39
CA GLY A 7 -0.84 -2.33 1.50
C GLY A 7 -1.19 -3.72 1.01
N ARG A 8 -1.78 -4.53 1.89
CA ARG A 8 -2.16 -5.89 1.54
C ARG A 8 -3.45 -5.89 0.72
N LYS A 9 -4.28 -4.88 0.92
CA LYS A 9 -5.54 -4.77 0.20
C LYS A 9 -5.33 -4.24 -1.21
N ILE A 10 -4.25 -3.48 -1.39
CA ILE A 10 -3.92 -2.90 -2.69
C ILE A 10 -2.82 -3.70 -3.39
N ALA A 11 -1.65 -3.72 -2.77
CA ALA A 11 -0.51 -4.44 -3.32
C ALA A 11 0.71 -4.35 -2.40
N HIS A 12 1.14 -5.49 -1.89
CA HIS A 12 2.29 -5.55 -1.00
C HIS A 12 3.50 -4.83 -1.62
N GLY A 13 3.82 -3.66 -1.08
CA GLY A 13 4.94 -2.90 -1.58
C GLY A 13 4.51 -1.82 -2.57
N VAL A 14 3.27 -1.38 -2.46
CA VAL A 14 2.75 -0.35 -3.33
C VAL A 14 2.86 1.03 -2.70
N LYS A 15 3.88 1.22 -1.87
CA LYS A 15 4.10 2.48 -1.19
C LYS A 15 4.10 3.64 -2.20
N LYS A 16 4.51 3.35 -3.42
CA LYS A 16 4.55 4.36 -4.47
C LYS A 16 3.13 4.72 -4.93
N TYR A 17 3.05 5.48 -6.02
CA TYR A 17 1.77 5.89 -6.57
C TYR A 17 1.51 5.26 -7.93
N GLY A 18 1.64 3.94 -8.00
CA GLY A 18 1.43 3.24 -9.25
C GLY A 18 0.15 2.42 -9.25
N ARG A 1 0.82 6.22 9.27
CA ARG A 1 -0.06 7.37 9.41
C ARG A 1 -1.03 7.47 8.22
N GLY A 2 -1.41 6.31 7.69
CA GLY A 2 -2.31 6.28 6.56
C GLY A 2 -2.42 4.89 5.93
N LEU A 3 -1.40 4.52 5.17
CA LEU A 3 -1.39 3.22 4.51
C LEU A 3 -0.79 2.15 5.43
N ARG A 4 -1.61 1.60 6.30
CA ARG A 4 -1.17 0.57 7.23
C ARG A 4 -1.53 -0.82 6.72
N ARG A 5 -2.75 -0.96 6.20
CA ARG A 5 -3.22 -2.23 5.68
C ARG A 5 -3.81 -2.06 4.28
N LEU A 6 -3.30 -1.08 3.55
CA LEU A 6 -3.78 -0.81 2.19
C LEU A 6 -2.91 -1.52 1.16
N GLY A 7 -1.62 -1.65 1.47
CA GLY A 7 -0.70 -2.31 0.56
C GLY A 7 -1.19 -3.68 0.13
N ARG A 8 -1.79 -4.40 1.07
CA ARG A 8 -2.30 -5.75 0.79
C ARG A 8 -3.62 -5.67 0.03
N LYS A 9 -4.34 -4.57 0.21
CA LYS A 9 -5.62 -4.38 -0.47
C LYS A 9 -5.41 -3.90 -1.90
N ILE A 10 -4.25 -3.31 -2.16
CA ILE A 10 -3.93 -2.82 -3.51
C ILE A 10 -2.88 -3.70 -4.17
N ALA A 11 -1.66 -3.62 -3.66
CA ALA A 11 -0.55 -4.41 -4.21
C ALA A 11 0.64 -4.42 -3.25
N HIS A 12 1.03 -5.61 -2.82
CA HIS A 12 2.16 -5.76 -1.90
C HIS A 12 3.39 -5.02 -2.42
N GLY A 13 3.81 -4.00 -1.70
CA GLY A 13 4.97 -3.23 -2.11
C GLY A 13 4.64 -2.17 -3.15
N VAL A 14 3.40 -1.67 -3.09
CA VAL A 14 2.95 -0.65 -4.04
C VAL A 14 3.09 0.74 -3.44
N LYS A 15 4.08 0.91 -2.56
CA LYS A 15 4.32 2.19 -1.92
C LYS A 15 4.42 3.31 -2.95
N LYS A 16 4.87 2.96 -4.16
CA LYS A 16 5.00 3.93 -5.23
C LYS A 16 3.65 4.28 -5.82
N TYR A 17 3.66 4.99 -6.95
CA TYR A 17 2.44 5.39 -7.62
C TYR A 17 2.06 4.41 -8.72
N GLY A 18 2.55 3.18 -8.60
CA GLY A 18 2.26 2.16 -9.58
C GLY A 18 3.21 2.21 -10.77
N ARG A 1 1.86 9.26 6.96
CA ARG A 1 2.42 7.92 6.99
C ARG A 1 1.42 6.92 7.55
N GLY A 2 0.84 6.11 6.66
CA GLY A 2 -0.14 5.11 7.08
C GLY A 2 0.15 3.75 6.49
N LEU A 3 -0.73 3.30 5.59
CA LEU A 3 -0.57 2.00 4.96
C LEU A 3 -0.40 0.90 6.01
N ARG A 4 -1.49 0.58 6.69
CA ARG A 4 -1.47 -0.46 7.72
C ARG A 4 -2.30 -1.68 7.29
N ARG A 5 -3.38 -1.41 6.56
CA ARG A 5 -4.25 -2.48 6.10
C ARG A 5 -4.88 -2.13 4.75
N LEU A 6 -4.13 -1.38 3.94
CA LEU A 6 -4.61 -0.97 2.62
C LEU A 6 -3.77 -1.61 1.52
N GLY A 7 -2.49 -1.79 1.79
CA GLY A 7 -1.60 -2.39 0.80
C GLY A 7 -2.09 -3.75 0.34
N ARG A 8 -2.77 -4.46 1.22
CA ARG A 8 -3.30 -5.79 0.89
C ARG A 8 -4.54 -5.69 0.02
N LYS A 9 -5.23 -4.54 0.13
CA LYS A 9 -6.45 -4.33 -0.65
C LYS A 9 -6.11 -3.77 -2.04
N ILE A 10 -4.97 -3.11 -2.14
CA ILE A 10 -4.53 -2.52 -3.40
C ILE A 10 -3.41 -3.34 -4.03
N ALA A 11 -2.25 -3.32 -3.40
CA ALA A 11 -1.09 -4.06 -3.89
C ALA A 11 0.05 -4.02 -2.90
N HIS A 12 0.45 -5.19 -2.40
CA HIS A 12 1.54 -5.27 -1.44
C HIS A 12 2.79 -4.58 -1.97
N GLY A 13 3.15 -3.46 -1.34
CA GLY A 13 4.32 -2.72 -1.76
C GLY A 13 3.99 -1.61 -2.75
N VAL A 14 2.75 -1.15 -2.70
CA VAL A 14 2.30 -0.08 -3.59
C VAL A 14 2.40 1.28 -2.93
N LYS A 15 3.35 1.42 -2.01
CA LYS A 15 3.55 2.67 -1.28
C LYS A 15 3.65 3.85 -2.25
N LYS A 16 4.14 3.57 -3.46
CA LYS A 16 4.29 4.60 -4.48
C LYS A 16 2.94 4.96 -5.09
N TYR A 17 2.97 5.73 -6.17
CA TYR A 17 1.75 6.14 -6.85
C TYR A 17 1.44 5.21 -8.02
N GLY A 18 1.96 3.98 -7.95
CA GLY A 18 1.73 3.02 -9.01
C GLY A 18 2.83 3.02 -10.05
N ARG A 1 -2.25 5.93 10.92
CA ARG A 1 -3.16 4.89 11.40
C ARG A 1 -3.79 4.15 10.23
N GLY A 2 -3.92 4.83 9.09
CA GLY A 2 -4.51 4.21 7.92
C GLY A 2 -3.51 3.41 7.12
N LEU A 3 -2.27 3.90 7.05
CA LEU A 3 -1.21 3.23 6.32
C LEU A 3 -0.95 1.83 6.88
N ARG A 4 0.03 1.14 6.33
CA ARG A 4 0.37 -0.21 6.78
C ARG A 4 -0.79 -1.17 6.56
N ARG A 5 -1.66 -0.84 5.60
CA ARG A 5 -2.81 -1.67 5.29
C ARG A 5 -3.29 -1.42 3.86
N LEU A 6 -3.31 -0.15 3.46
CA LEU A 6 -3.75 0.22 2.13
C LEU A 6 -3.01 -0.59 1.06
N GLY A 7 -1.73 -0.84 1.30
CA GLY A 7 -0.93 -1.61 0.36
C GLY A 7 -1.55 -2.96 0.04
N ARG A 8 -2.28 -3.51 1.00
CA ARG A 8 -2.92 -4.81 0.81
C ARG A 8 -4.20 -4.67 -0.02
N LYS A 9 -4.80 -3.49 0.02
CA LYS A 9 -6.02 -3.23 -0.72
C LYS A 9 -5.70 -2.86 -2.17
N ILE A 10 -4.51 -2.31 -2.39
CA ILE A 10 -4.09 -1.91 -3.73
C ILE A 10 -3.14 -2.95 -4.33
N ALA A 11 -1.95 -3.06 -3.75
CA ALA A 11 -0.95 -4.01 -4.23
C ALA A 11 0.24 -4.09 -3.27
N HIS A 12 0.44 -5.25 -2.68
CA HIS A 12 1.54 -5.46 -1.75
C HIS A 12 2.87 -5.03 -2.37
N GLY A 13 3.42 -3.93 -1.87
CA GLY A 13 4.68 -3.42 -2.39
C GLY A 13 4.48 -2.37 -3.46
N VAL A 14 3.35 -1.68 -3.41
CA VAL A 14 3.04 -0.64 -4.38
C VAL A 14 3.41 0.73 -3.84
N LYS A 15 4.42 0.78 -2.99
CA LYS A 15 4.87 2.04 -2.40
C LYS A 15 5.12 3.09 -3.48
N LYS A 16 5.48 2.63 -4.67
CA LYS A 16 5.73 3.54 -5.79
C LYS A 16 4.43 4.12 -6.32
N TYR A 17 4.51 4.80 -7.47
CA TYR A 17 3.34 5.40 -8.08
C TYR A 17 2.25 4.36 -8.33
N GLY A 18 2.66 3.11 -8.47
CA GLY A 18 1.71 2.03 -8.71
C GLY A 18 2.38 0.69 -8.89
#